data_1A9W
#
_entry.id   1A9W
#
_cell.length_a   62.800
_cell.length_b   62.800
_cell.length_c   320.900
_cell.angle_alpha   90.00
_cell.angle_beta   90.00
_cell.angle_gamma   90.00
#
_symmetry.space_group_name_H-M   'P 43 21 2'
#
loop_
_entity.id
_entity.type
_entity.pdbx_description
1 polymer 'HEMOGLOBIN (ALPHA CHAIN)'
2 polymer 'HEMOGLOBIN (BETA CHAIN)'
3 non-polymer 'PROTOPORPHYRIN IX CONTAINING FE'
4 non-polymer 'CARBON MONOXIDE'
#
loop_
_entity_poly.entity_id
_entity_poly.type
_entity_poly.pdbx_seq_one_letter_code
_entity_poly.pdbx_strand_id
1 'polypeptide(L)'
;VLSPADKTNVKAAWGKVGAHAGEYGAEALERMFLSFPTTKTYFPHFDLSHGSAQVKGHGKKVADALTNAVAHVDDMPNAL
SALSDLHAHKLRVDPVNFKLLSHCLLVTLAAHLPAEFTPAVHASLDKFLASVSTVLTSKYR
;
A,C
2 'polypeptide(L)'
;VHFTAEEKAAVTSLWSKMNVEEAGGEALGRLLVVYPWTQRFFDSFGNLSSPSAILGNPKVKAHGKKVLTSFGDAIKNMDN
LKPAFAKLSELHCDKLHVDPENFKLLGNVMVIILATHFGKEFTPEVQAAWQKLVSAVAIALAHKYH
;
E,F
#
# COMPACT_ATOMS: atom_id res chain seq x y z
N VAL A 1 15.49 0.18 1.38
CA VAL A 1 16.93 -0.10 1.67
C VAL A 1 17.30 0.28 3.11
N LEU A 2 18.12 -0.56 3.74
CA LEU A 2 18.55 -0.33 5.13
C LEU A 2 19.85 0.44 5.26
N SER A 3 19.84 1.44 6.13
CA SER A 3 21.03 2.25 6.40
C SER A 3 21.90 1.45 7.36
N PRO A 4 23.16 1.87 7.57
CA PRO A 4 24.01 1.13 8.50
C PRO A 4 23.42 1.19 9.92
N ALA A 5 22.76 2.31 10.22
CA ALA A 5 22.13 2.51 11.53
C ALA A 5 20.99 1.51 11.74
N ASP A 6 20.22 1.26 10.70
CA ASP A 6 19.10 0.32 10.75
C ASP A 6 19.64 -1.06 11.07
N LYS A 7 20.70 -1.45 10.37
CA LYS A 7 21.32 -2.76 10.59
C LYS A 7 21.80 -2.92 12.02
N THR A 8 22.32 -1.85 12.61
CA THR A 8 22.80 -1.92 13.99
C THR A 8 21.64 -2.09 14.98
N ASN A 9 20.58 -1.30 14.77
CA ASN A 9 19.39 -1.36 15.62
C ASN A 9 18.72 -2.72 15.56
N VAL A 10 18.58 -3.26 14.35
CA VAL A 10 17.98 -4.56 14.15
C VAL A 10 18.77 -5.66 14.85
N LYS A 11 20.09 -5.61 14.74
CA LYS A 11 20.95 -6.61 15.37
C LYS A 11 20.92 -6.49 16.89
N ALA A 12 21.00 -5.26 17.38
CA ALA A 12 20.97 -5.00 18.83
C ALA A 12 19.63 -5.39 19.44
N ALA A 13 18.54 -5.04 18.75
CA ALA A 13 17.20 -5.33 19.23
C ALA A 13 16.86 -6.82 19.24
N TRP A 14 17.19 -7.52 18.15
CA TRP A 14 16.91 -8.95 18.06
C TRP A 14 17.71 -9.76 19.09
N GLY A 15 18.85 -9.21 19.52
CA GLY A 15 19.67 -9.86 20.52
C GLY A 15 18.95 -9.86 21.86
N LYS A 16 18.33 -8.73 22.20
CA LYS A 16 17.58 -8.60 23.45
C LYS A 16 16.35 -9.51 23.49
N VAL A 17 15.83 -9.85 22.31
CA VAL A 17 14.68 -10.77 22.21
C VAL A 17 15.18 -12.12 22.70
N GLY A 18 16.31 -12.53 22.14
CA GLY A 18 16.94 -13.78 22.53
C GLY A 18 16.11 -15.05 22.54
N ALA A 19 16.08 -15.68 23.71
CA ALA A 19 15.38 -16.94 23.94
C ALA A 19 13.86 -16.94 23.71
N HIS A 20 13.22 -15.81 23.99
CA HIS A 20 11.78 -15.70 23.84
C HIS A 20 11.27 -15.50 22.42
N ALA A 21 12.18 -15.55 21.45
CA ALA A 21 11.83 -15.37 20.04
C ALA A 21 10.68 -16.27 19.63
N GLY A 22 10.68 -17.50 20.13
CA GLY A 22 9.62 -18.45 19.81
C GLY A 22 8.30 -18.12 20.48
N GLU A 23 8.36 -17.64 21.72
CA GLU A 23 7.16 -17.27 22.48
C GLU A 23 6.50 -16.02 21.89
N TYR A 24 7.32 -15.13 21.34
CA TYR A 24 6.84 -13.89 20.73
C TYR A 24 6.23 -14.17 19.36
N GLY A 25 6.79 -15.13 18.64
CA GLY A 25 6.28 -15.47 17.33
C GLY A 25 4.91 -16.08 17.45
N ALA A 26 4.72 -16.90 18.48
CA ALA A 26 3.45 -17.54 18.73
C ALA A 26 2.36 -16.51 19.04
N GLU A 27 2.71 -15.50 19.86
CA GLU A 27 1.79 -14.44 20.25
C GLU A 27 1.40 -13.51 19.10
N ALA A 28 2.37 -13.16 18.25
CA ALA A 28 2.12 -12.29 17.11
C ALA A 28 1.06 -12.91 16.20
N LEU A 29 1.11 -14.23 16.04
CA LEU A 29 0.15 -14.96 15.23
C LEU A 29 -1.22 -14.99 15.89
N GLU A 30 -1.24 -15.24 17.19
CA GLU A 30 -2.47 -15.28 17.96
C GLU A 30 -3.21 -13.93 17.87
N ARG A 31 -2.45 -12.83 17.89
CA ARG A 31 -3.00 -11.48 17.80
C ARG A 31 -3.53 -11.20 16.39
N MET A 32 -2.81 -11.66 15.38
CA MET A 32 -3.18 -11.46 13.99
C MET A 32 -4.50 -12.14 13.65
N PHE A 33 -4.65 -13.40 14.11
CA PHE A 33 -5.85 -14.18 13.88
C PHE A 33 -7.06 -13.52 14.54
N LEU A 34 -6.83 -12.93 15.70
CA LEU A 34 -7.87 -12.24 16.45
C LEU A 34 -8.25 -10.88 15.86
N SER A 35 -7.25 -10.04 15.61
CA SER A 35 -7.48 -8.69 15.07
C SER A 35 -7.90 -8.67 13.60
N PHE A 36 -7.39 -9.62 12.82
CA PHE A 36 -7.71 -9.72 11.39
C PHE A 36 -8.06 -11.16 11.07
N PRO A 37 -9.32 -11.55 11.31
CA PRO A 37 -9.82 -12.89 11.06
C PRO A 37 -9.72 -13.44 9.64
N THR A 38 -9.64 -12.57 8.64
CA THR A 38 -9.54 -13.03 7.27
C THR A 38 -8.23 -13.77 7.00
N THR A 39 -7.24 -13.55 7.86
CA THR A 39 -5.95 -14.20 7.71
C THR A 39 -6.07 -15.68 8.10
N LYS A 40 -7.15 -16.03 8.76
CA LYS A 40 -7.38 -17.42 9.18
C LYS A 40 -7.61 -18.37 8.02
N THR A 41 -8.02 -17.83 6.87
CA THR A 41 -8.30 -18.63 5.70
C THR A 41 -7.03 -19.21 5.05
N TYR A 42 -5.86 -18.80 5.54
CA TYR A 42 -4.61 -19.32 5.00
C TYR A 42 -4.14 -20.56 5.75
N PHE A 43 -4.78 -20.83 6.89
CA PHE A 43 -4.43 -21.98 7.73
C PHE A 43 -5.70 -22.82 8.00
N PRO A 44 -6.26 -23.45 6.95
CA PRO A 44 -7.46 -24.28 7.10
C PRO A 44 -7.15 -25.56 7.85
N HIS A 45 -5.94 -26.06 7.64
CA HIS A 45 -5.45 -27.30 8.25
C HIS A 45 -5.02 -27.14 9.70
N PHE A 46 -5.10 -25.90 10.20
CA PHE A 46 -4.71 -25.60 11.57
C PHE A 46 -5.88 -25.55 12.54
N ASP A 47 -5.60 -26.01 13.76
CA ASP A 47 -6.57 -25.95 14.84
C ASP A 47 -6.20 -24.60 15.46
N LEU A 48 -6.97 -23.57 15.15
CA LEU A 48 -6.65 -22.23 15.63
C LEU A 48 -7.21 -21.84 17.00
N SER A 49 -7.59 -22.83 17.80
CA SER A 49 -8.15 -22.57 19.13
C SER A 49 -7.12 -21.97 20.09
N HIS A 50 -7.63 -21.31 21.13
CA HIS A 50 -6.84 -20.63 22.16
C HIS A 50 -5.34 -20.94 22.28
N GLY A 51 -5.01 -22.07 22.92
CA GLY A 51 -3.61 -22.43 23.08
C GLY A 51 -3.13 -23.59 22.22
N SER A 52 -3.47 -23.53 20.93
CA SER A 52 -3.11 -24.58 19.98
C SER A 52 -1.63 -24.92 19.97
N ALA A 53 -1.36 -26.22 19.83
CA ALA A 53 0.02 -26.72 19.78
C ALA A 53 0.64 -26.41 18.42
N GLN A 54 -0.20 -26.35 17.39
CA GLN A 54 0.25 -26.05 16.04
C GLN A 54 0.71 -24.60 15.95
N VAL A 55 -0.11 -23.69 16.48
CA VAL A 55 0.18 -22.27 16.48
C VAL A 55 1.46 -21.94 17.25
N LYS A 56 1.58 -22.47 18.46
CA LYS A 56 2.77 -22.24 19.28
C LYS A 56 4.01 -22.84 18.60
N GLY A 57 3.80 -23.91 17.84
CA GLY A 57 4.88 -24.56 17.14
C GLY A 57 5.30 -23.80 15.89
N HIS A 58 4.33 -23.19 15.21
CA HIS A 58 4.60 -22.42 14.00
C HIS A 58 5.25 -21.09 14.36
N GLY A 59 4.98 -20.62 15.57
CA GLY A 59 5.58 -19.39 16.04
C GLY A 59 7.09 -19.53 16.14
N LYS A 60 7.55 -20.72 16.53
CA LYS A 60 8.98 -20.98 16.63
C LYS A 60 9.59 -20.99 15.24
N LYS A 61 8.91 -21.63 14.29
CA LYS A 61 9.41 -21.71 12.92
C LYS A 61 9.58 -20.32 12.31
N VAL A 62 8.55 -19.49 12.48
CA VAL A 62 8.56 -18.12 11.97
C VAL A 62 9.68 -17.30 12.62
N ALA A 63 9.84 -17.47 13.93
CA ALA A 63 10.88 -16.78 14.69
C ALA A 63 12.29 -17.13 14.24
N ASP A 64 12.53 -18.43 14.00
CA ASP A 64 13.85 -18.89 13.55
C ASP A 64 14.19 -18.34 12.17
N ALA A 65 13.17 -18.25 11.31
CA ALA A 65 13.35 -17.72 9.97
C ALA A 65 13.80 -16.26 10.05
N LEU A 66 13.22 -15.52 11.00
CA LEU A 66 13.58 -14.13 11.20
C LEU A 66 14.98 -13.98 11.79
N THR A 67 15.34 -14.91 12.67
CA THR A 67 16.67 -14.88 13.29
C THR A 67 17.70 -15.09 12.18
N ASN A 68 17.31 -15.91 11.21
CA ASN A 68 18.16 -16.21 10.07
C ASN A 68 18.32 -15.00 9.15
N ALA A 69 17.25 -14.22 9.02
CA ALA A 69 17.28 -13.03 8.17
C ALA A 69 18.17 -11.95 8.78
N VAL A 70 18.24 -11.90 10.11
CA VAL A 70 19.06 -10.91 10.80
C VAL A 70 20.54 -11.22 10.58
N ALA A 71 20.88 -12.50 10.56
CA ALA A 71 22.25 -12.94 10.36
C ALA A 71 22.68 -12.63 8.93
N HIS A 72 21.77 -12.84 7.98
CA HIS A 72 22.04 -12.59 6.56
C HIS A 72 21.36 -11.32 6.07
N VAL A 73 21.39 -10.27 6.87
CA VAL A 73 20.74 -9.01 6.51
C VAL A 73 21.32 -8.38 5.24
N ASP A 74 22.47 -8.90 4.81
CA ASP A 74 23.14 -8.39 3.60
C ASP A 74 22.94 -9.28 2.39
N ASP A 75 22.26 -10.41 2.59
CA ASP A 75 22.02 -11.34 1.50
C ASP A 75 20.68 -12.04 1.71
N MET A 76 19.64 -11.24 1.98
CA MET A 76 18.30 -11.78 2.21
C MET A 76 17.70 -12.57 1.05
N PRO A 77 17.86 -12.08 -0.19
CA PRO A 77 17.31 -12.82 -1.33
C PRO A 77 17.83 -14.25 -1.43
N ASN A 78 19.13 -14.44 -1.22
CA ASN A 78 19.74 -15.76 -1.30
C ASN A 78 19.43 -16.64 -0.08
N ALA A 79 19.41 -16.02 1.10
CA ALA A 79 19.15 -16.73 2.35
C ALA A 79 17.68 -17.14 2.57
N LEU A 80 16.76 -16.43 1.92
CA LEU A 80 15.34 -16.71 2.08
C LEU A 80 14.68 -17.26 0.81
N SER A 81 15.50 -17.66 -0.16
CA SER A 81 15.00 -18.20 -1.43
C SER A 81 14.02 -19.36 -1.29
N ALA A 82 14.15 -20.13 -0.21
CA ALA A 82 13.27 -21.27 0.05
C ALA A 82 11.88 -20.81 0.49
N LEU A 83 11.85 -19.84 1.39
CA LEU A 83 10.60 -19.28 1.90
C LEU A 83 9.88 -18.44 0.86
N SER A 84 10.66 -17.84 -0.04
CA SER A 84 10.12 -17.03 -1.12
C SER A 84 9.34 -17.95 -2.08
N ASP A 85 9.87 -19.16 -2.27
CA ASP A 85 9.24 -20.14 -3.15
C ASP A 85 7.90 -20.56 -2.54
N LEU A 86 7.90 -20.85 -1.25
CA LEU A 86 6.70 -21.27 -0.53
C LEU A 86 5.56 -20.23 -0.52
N HIS A 87 5.85 -19.04 0.00
CA HIS A 87 4.85 -17.97 0.10
C HIS A 87 4.41 -17.29 -1.19
N ALA A 88 5.35 -17.09 -2.12
CA ALA A 88 5.05 -16.42 -3.37
C ALA A 88 4.62 -17.37 -4.48
N HIS A 89 5.35 -18.45 -4.62
CA HIS A 89 5.07 -19.42 -5.65
C HIS A 89 3.94 -20.40 -5.33
N LYS A 90 4.13 -21.22 -4.30
CA LYS A 90 3.14 -22.23 -3.94
C LYS A 90 1.87 -21.69 -3.29
N LEU A 91 2.00 -21.03 -2.15
CA LEU A 91 0.83 -20.51 -1.43
C LEU A 91 0.13 -19.30 -2.02
N ARG A 92 0.90 -18.43 -2.68
CA ARG A 92 0.37 -17.21 -3.30
C ARG A 92 -0.35 -16.30 -2.28
N VAL A 93 0.40 -15.89 -1.26
CA VAL A 93 -0.10 -15.03 -0.20
C VAL A 93 -0.18 -13.57 -0.64
N ASP A 94 -1.33 -12.96 -0.41
CA ASP A 94 -1.56 -11.56 -0.74
C ASP A 94 -0.63 -10.75 0.16
N PRO A 95 0.16 -9.83 -0.42
CA PRO A 95 1.12 -8.97 0.30
C PRO A 95 0.55 -8.15 1.45
N VAL A 96 -0.73 -7.79 1.37
CA VAL A 96 -1.34 -6.98 2.44
C VAL A 96 -1.26 -7.72 3.77
N ASN A 97 -1.24 -9.05 3.71
CA ASN A 97 -1.16 -9.89 4.91
C ASN A 97 0.18 -9.73 5.63
N PHE A 98 1.24 -9.47 4.87
CA PHE A 98 2.55 -9.29 5.46
C PHE A 98 2.57 -8.03 6.31
N LYS A 99 1.81 -7.03 5.89
CA LYS A 99 1.75 -5.78 6.65
C LYS A 99 1.04 -6.03 7.96
N LEU A 100 0.04 -6.90 7.95
CA LEU A 100 -0.73 -7.23 9.14
C LEU A 100 0.12 -8.01 10.13
N LEU A 101 0.89 -8.98 9.63
CA LEU A 101 1.74 -9.77 10.52
C LEU A 101 2.86 -8.91 11.09
N SER A 102 3.46 -8.05 10.25
CA SER A 102 4.54 -7.17 10.68
C SER A 102 4.07 -6.25 11.81
N HIS A 103 2.84 -5.77 11.69
CA HIS A 103 2.25 -4.90 12.69
C HIS A 103 2.10 -5.62 14.03
N CYS A 104 1.51 -6.81 14.00
CA CYS A 104 1.29 -7.59 15.21
C CYS A 104 2.58 -8.03 15.85
N LEU A 105 3.63 -8.14 15.05
CA LEU A 105 4.93 -8.54 15.57
C LEU A 105 5.51 -7.34 16.35
N LEU A 106 5.35 -6.15 15.79
CA LEU A 106 5.84 -4.94 16.43
C LEU A 106 5.09 -4.71 17.73
N VAL A 107 3.78 -4.90 17.71
CA VAL A 107 2.93 -4.72 18.88
C VAL A 107 3.38 -5.64 20.01
N THR A 108 3.73 -6.88 19.66
CA THR A 108 4.17 -7.87 20.64
C THR A 108 5.47 -7.44 21.30
N LEU A 109 6.42 -6.95 20.50
CA LEU A 109 7.71 -6.49 21.02
C LEU A 109 7.54 -5.28 21.93
N ALA A 110 6.58 -4.42 21.60
CA ALA A 110 6.30 -3.22 22.37
C ALA A 110 5.76 -3.53 23.76
N ALA A 111 5.00 -4.61 23.87
CA ALA A 111 4.40 -5.03 25.13
C ALA A 111 5.37 -5.73 26.07
N HIS A 112 6.37 -6.41 25.52
CA HIS A 112 7.33 -7.14 26.34
C HIS A 112 8.64 -6.42 26.60
N LEU A 113 8.98 -5.46 25.75
CA LEU A 113 10.21 -4.70 25.90
C LEU A 113 9.94 -3.21 25.68
N PRO A 114 8.98 -2.63 26.43
CA PRO A 114 8.65 -1.21 26.28
C PRO A 114 9.83 -0.25 26.45
N ALA A 115 10.78 -0.62 27.30
CA ALA A 115 11.95 0.20 27.56
C ALA A 115 12.89 0.22 26.36
N GLU A 116 13.05 -0.94 25.73
CA GLU A 116 13.94 -1.12 24.58
C GLU A 116 13.33 -0.67 23.24
N PHE A 117 12.01 -0.64 23.16
CA PHE A 117 11.31 -0.26 21.93
C PHE A 117 11.23 1.25 21.70
N THR A 118 12.37 1.89 21.50
CA THR A 118 12.43 3.33 21.26
C THR A 118 11.94 3.64 19.85
N PRO A 119 11.53 4.89 19.59
CA PRO A 119 11.05 5.26 18.25
C PRO A 119 12.06 4.91 17.16
N ALA A 120 13.33 5.05 17.48
CA ALA A 120 14.41 4.77 16.55
C ALA A 120 14.49 3.29 16.17
N VAL A 121 14.31 2.41 17.17
CA VAL A 121 14.34 0.96 16.96
C VAL A 121 13.10 0.54 16.16
N HIS A 122 11.95 1.09 16.56
CA HIS A 122 10.66 0.85 15.92
C HIS A 122 10.79 1.12 14.40
N ALA A 123 11.34 2.29 14.07
CA ALA A 123 11.53 2.69 12.69
C ALA A 123 12.42 1.72 11.90
N SER A 124 13.50 1.26 12.52
CA SER A 124 14.42 0.33 11.87
C SER A 124 13.82 -1.05 11.67
N LEU A 125 13.05 -1.52 12.65
CA LEU A 125 12.40 -2.82 12.56
C LEU A 125 11.32 -2.80 11.49
N ASP A 126 10.56 -1.72 11.43
CA ASP A 126 9.51 -1.58 10.45
C ASP A 126 10.09 -1.72 9.05
N LYS A 127 11.24 -1.07 8.82
CA LYS A 127 11.91 -1.13 7.53
C LYS A 127 12.41 -2.54 7.26
N PHE A 128 13.04 -3.13 8.27
CA PHE A 128 13.58 -4.48 8.17
C PHE A 128 12.48 -5.48 7.79
N LEU A 129 11.35 -5.42 8.50
CA LEU A 129 10.23 -6.32 8.24
C LEU A 129 9.64 -6.09 6.86
N ALA A 130 9.76 -4.85 6.37
CA ALA A 130 9.25 -4.50 5.06
C ALA A 130 10.12 -5.18 3.99
N SER A 131 11.43 -5.23 4.25
CA SER A 131 12.38 -5.86 3.32
C SER A 131 12.14 -7.36 3.24
N VAL A 132 11.93 -7.97 4.40
CA VAL A 132 11.65 -9.40 4.49
C VAL A 132 10.38 -9.72 3.69
N SER A 133 9.35 -8.91 3.90
CA SER A 133 8.08 -9.09 3.20
C SER A 133 8.23 -8.99 1.68
N THR A 134 9.04 -8.04 1.23
CA THR A 134 9.28 -7.86 -0.20
C THR A 134 9.89 -9.11 -0.82
N VAL A 135 10.83 -9.70 -0.10
CA VAL A 135 11.51 -10.91 -0.57
C VAL A 135 10.58 -12.13 -0.64
N LEU A 136 9.73 -12.29 0.38
CA LEU A 136 8.82 -13.42 0.42
C LEU A 136 7.64 -13.30 -0.54
N THR A 137 7.39 -12.10 -1.05
CA THR A 137 6.28 -11.91 -1.98
C THR A 137 6.71 -11.81 -3.44
N SER A 138 8.01 -11.92 -3.68
CA SER A 138 8.55 -11.83 -5.04
C SER A 138 8.98 -13.16 -5.64
N LYS A 139 8.73 -13.31 -6.94
CA LYS A 139 9.13 -14.49 -7.70
C LYS A 139 10.41 -14.09 -8.43
N TYR A 140 11.56 -14.52 -7.93
CA TYR A 140 12.83 -14.16 -8.55
C TYR A 140 13.76 -15.30 -8.98
N ARG A 141 13.17 -16.47 -9.23
CA ARG A 141 13.95 -17.64 -9.66
C ARG A 141 13.42 -18.20 -10.97
N VAL B 1 -19.60 0.85 10.79
CA VAL B 1 -19.17 -0.32 11.61
C VAL B 1 -19.90 -0.36 12.97
N HIS B 2 -20.28 -1.57 13.38
CA HIS B 2 -20.99 -1.79 14.64
C HIS B 2 -20.05 -2.36 15.70
N PHE B 3 -20.24 -1.91 16.94
CA PHE B 3 -19.43 -2.37 18.07
C PHE B 3 -20.24 -3.22 19.05
N THR B 4 -19.63 -4.29 19.55
CA THR B 4 -20.29 -5.17 20.52
C THR B 4 -20.09 -4.57 21.91
N ALA B 5 -20.86 -5.04 22.89
CA ALA B 5 -20.76 -4.53 24.26
C ALA B 5 -19.41 -4.82 24.90
N GLU B 6 -18.82 -5.96 24.54
CA GLU B 6 -17.54 -6.38 25.08
C GLU B 6 -16.41 -5.52 24.52
N GLU B 7 -16.61 -5.05 23.29
CA GLU B 7 -15.63 -4.21 22.62
C GLU B 7 -15.67 -2.78 23.17
N LYS B 8 -16.87 -2.24 23.42
CA LYS B 8 -16.99 -0.89 23.98
C LYS B 8 -16.37 -0.87 25.37
N ALA B 9 -16.41 -2.03 26.04
CA ALA B 9 -15.85 -2.17 27.38
C ALA B 9 -14.33 -2.04 27.37
N ALA B 10 -13.68 -2.84 26.54
CA ALA B 10 -12.21 -2.85 26.42
C ALA B 10 -11.61 -1.49 26.11
N VAL B 11 -12.26 -0.76 25.21
CA VAL B 11 -11.81 0.58 24.82
C VAL B 11 -11.95 1.59 25.96
N THR B 12 -13.14 1.65 26.55
CA THR B 12 -13.41 2.58 27.64
C THR B 12 -12.63 2.28 28.92
N SER B 13 -12.27 1.02 29.12
CA SER B 13 -11.51 0.59 30.31
C SER B 13 -10.11 1.18 30.34
N LEU B 14 -9.47 1.20 29.18
CA LEU B 14 -8.11 1.74 29.05
C LEU B 14 -8.06 3.25 28.96
N TRP B 15 -9.05 3.84 28.29
CA TRP B 15 -9.11 5.29 28.14
C TRP B 15 -9.11 5.93 29.53
N SER B 16 -9.70 5.22 30.48
CA SER B 16 -9.80 5.67 31.86
C SER B 16 -8.45 5.72 32.56
N LYS B 17 -7.60 4.72 32.30
CA LYS B 17 -6.30 4.66 32.96
C LYS B 17 -5.13 5.30 32.22
N MET B 18 -5.37 6.05 31.14
CA MET B 18 -4.21 6.59 30.45
C MET B 18 -3.81 8.06 30.54
N ASN B 19 -2.49 8.26 30.44
CA ASN B 19 -1.84 9.57 30.50
C ASN B 19 -2.13 10.41 29.26
N VAL B 20 -3.29 11.05 29.25
CA VAL B 20 -3.71 11.89 28.14
C VAL B 20 -2.72 13.02 27.83
N GLU B 21 -1.97 13.40 28.86
CA GLU B 21 -0.97 14.47 28.75
C GLU B 21 0.21 14.06 27.87
N GLU B 22 1.05 13.19 28.42
CA GLU B 22 2.26 12.72 27.74
C GLU B 22 2.10 11.76 26.55
N ALA B 23 1.00 11.01 26.50
CA ALA B 23 0.79 10.05 25.42
C ALA B 23 0.48 10.61 24.03
N GLY B 24 0.09 11.88 23.95
CA GLY B 24 -0.22 12.49 22.66
C GLY B 24 1.01 12.74 21.83
N GLY B 25 1.98 13.44 22.45
CA GLY B 25 3.22 13.74 21.76
C GLY B 25 4.05 12.49 21.51
N GLU B 26 3.78 11.44 22.28
CA GLU B 26 4.49 10.16 22.13
C GLU B 26 4.10 9.54 20.78
N ALA B 27 2.82 9.62 20.47
CA ALA B 27 2.30 9.07 19.23
C ALA B 27 2.75 9.87 18.02
N LEU B 28 2.57 11.20 18.08
CA LEU B 28 2.96 12.08 16.99
C LEU B 28 4.45 12.00 16.72
N GLY B 29 5.23 11.88 17.79
CA GLY B 29 6.67 11.76 17.65
C GLY B 29 7.04 10.52 16.85
N ARG B 30 6.45 9.38 17.23
CA ARG B 30 6.70 8.10 16.54
C ARG B 30 6.28 8.12 15.08
N LEU B 31 5.19 8.83 14.78
CA LEU B 31 4.70 8.92 13.41
C LEU B 31 5.77 9.59 12.55
N LEU B 32 6.28 10.72 13.06
CA LEU B 32 7.31 11.48 12.36
C LEU B 32 8.64 10.74 12.23
N VAL B 33 8.97 9.91 13.21
CA VAL B 33 10.23 9.15 13.18
C VAL B 33 10.18 7.90 12.28
N VAL B 34 9.12 7.12 12.41
CA VAL B 34 8.94 5.90 11.64
C VAL B 34 8.53 6.12 10.19
N TYR B 35 7.70 7.14 9.96
CA TYR B 35 7.22 7.49 8.62
C TYR B 35 7.61 8.93 8.36
N PRO B 36 8.88 9.16 7.99
CA PRO B 36 9.55 10.43 7.70
C PRO B 36 8.87 11.43 6.78
N TRP B 37 8.22 10.94 5.73
CA TRP B 37 7.56 11.84 4.78
C TRP B 37 6.45 12.66 5.41
N THR B 38 5.99 12.24 6.59
CA THR B 38 4.93 12.96 7.29
C THR B 38 5.42 14.27 7.92
N GLN B 39 6.74 14.43 7.99
CA GLN B 39 7.37 15.64 8.54
C GLN B 39 7.10 16.83 7.62
N ARG B 40 6.73 16.54 6.38
CA ARG B 40 6.43 17.57 5.39
C ARG B 40 5.25 18.45 5.82
N PHE B 41 4.30 17.87 6.53
CA PHE B 41 3.10 18.58 6.99
C PHE B 41 3.33 19.40 8.24
N PHE B 42 4.35 19.01 9.01
CA PHE B 42 4.71 19.69 10.26
C PHE B 42 6.02 20.46 10.15
N ASP B 43 6.37 20.76 8.93
CA ASP B 43 7.56 21.53 8.63
C ASP B 43 7.64 22.82 9.48
N SER B 44 6.49 23.44 9.70
CA SER B 44 6.43 24.68 10.47
C SER B 44 6.74 24.55 11.97
N PHE B 45 6.72 23.33 12.51
CA PHE B 45 6.99 23.08 13.93
C PHE B 45 8.43 23.30 14.39
N GLY B 46 9.35 23.43 13.45
CA GLY B 46 10.73 23.68 13.83
C GLY B 46 11.71 22.53 13.62
N ASN B 47 12.50 22.26 14.65
CA ASN B 47 13.52 21.21 14.61
C ASN B 47 12.97 19.79 14.66
N LEU B 48 13.06 19.10 13.53
CA LEU B 48 12.59 17.73 13.38
C LEU B 48 13.74 16.91 12.76
N SER B 49 14.97 17.30 13.09
CA SER B 49 16.16 16.64 12.54
C SER B 49 16.51 15.29 13.13
N SER B 50 16.13 15.03 14.39
CA SER B 50 16.46 13.77 15.02
C SER B 50 15.34 13.27 15.93
N PRO B 51 15.36 11.97 16.28
CA PRO B 51 14.34 11.37 17.17
C PRO B 51 14.29 12.12 18.50
N SER B 52 15.44 12.60 18.96
CA SER B 52 15.56 13.34 20.21
C SER B 52 14.97 14.74 20.05
N ALA B 53 15.28 15.39 18.94
CA ALA B 53 14.79 16.72 18.64
C ALA B 53 13.26 16.74 18.42
N ILE B 54 12.76 15.70 17.76
CA ILE B 54 11.33 15.55 17.48
C ILE B 54 10.54 15.33 18.77
N LEU B 55 11.01 14.39 19.58
CA LEU B 55 10.36 14.07 20.85
C LEU B 55 10.49 15.21 21.85
N GLY B 56 11.57 15.99 21.72
CA GLY B 56 11.81 17.12 22.61
C GLY B 56 11.09 18.38 22.18
N ASN B 57 10.67 18.42 20.91
CA ASN B 57 9.96 19.56 20.36
C ASN B 57 8.68 19.86 21.14
N PRO B 58 8.53 21.11 21.62
CA PRO B 58 7.37 21.57 22.40
C PRO B 58 6.05 21.56 21.63
N LYS B 59 6.13 21.91 20.35
CA LYS B 59 4.97 21.98 19.47
C LYS B 59 4.43 20.61 19.05
N VAL B 60 5.28 19.58 19.12
CA VAL B 60 4.89 18.22 18.78
C VAL B 60 4.04 17.69 19.94
N LYS B 61 4.52 17.89 21.16
CA LYS B 61 3.83 17.46 22.37
C LYS B 61 2.47 18.18 22.52
N ALA B 62 2.45 19.47 22.18
CA ALA B 62 1.24 20.29 22.27
C ALA B 62 0.17 19.79 21.30
N HIS B 63 0.56 19.60 20.05
CA HIS B 63 -0.35 19.13 19.03
C HIS B 63 -0.75 17.69 19.32
N GLY B 64 0.14 16.97 20.00
CA GLY B 64 -0.13 15.59 20.36
C GLY B 64 -1.34 15.49 21.27
N LYS B 65 -1.43 16.39 22.24
CA LYS B 65 -2.55 16.43 23.17
C LYS B 65 -3.86 16.62 22.40
N LYS B 66 -3.84 17.48 21.39
CA LYS B 66 -5.02 17.76 20.58
C LYS B 66 -5.52 16.54 19.81
N VAL B 67 -4.58 15.77 19.24
CA VAL B 67 -4.91 14.57 18.49
C VAL B 67 -5.50 13.52 19.42
N LEU B 68 -4.86 13.31 20.56
CA LEU B 68 -5.32 12.34 21.54
C LEU B 68 -6.75 12.68 21.97
N THR B 69 -7.02 13.98 22.11
CA THR B 69 -8.32 14.49 22.51
C THR B 69 -9.42 14.12 21.52
N SER B 70 -9.15 14.32 20.22
CA SER B 70 -10.13 14.00 19.18
C SER B 70 -10.42 12.51 19.11
N PHE B 71 -9.57 11.71 19.77
CA PHE B 71 -9.76 10.26 19.82
C PHE B 71 -10.77 9.96 20.93
N GLY B 72 -10.76 10.80 21.96
CA GLY B 72 -11.69 10.64 23.08
C GLY B 72 -13.11 10.96 22.65
N ASP B 73 -13.23 11.86 21.69
CA ASP B 73 -14.53 12.25 21.16
C ASP B 73 -15.12 11.12 20.33
N ALA B 74 -14.25 10.26 19.83
CA ALA B 74 -14.65 9.11 19.02
C ALA B 74 -15.29 8.04 19.90
N ILE B 75 -14.69 7.80 21.08
CA ILE B 75 -15.19 6.81 22.03
C ILE B 75 -16.58 7.20 22.50
N LYS B 76 -16.82 8.51 22.58
CA LYS B 76 -18.09 9.08 23.01
C LYS B 76 -19.16 9.00 21.92
N ASN B 77 -18.76 8.79 20.68
CA ASN B 77 -19.69 8.71 19.56
C ASN B 77 -19.54 7.43 18.74
N MET B 78 -19.22 6.31 19.40
CA MET B 78 -19.04 5.04 18.70
C MET B 78 -20.15 4.58 17.76
N ASP B 79 -21.40 4.91 18.08
CA ASP B 79 -22.51 4.50 17.22
C ASP B 79 -22.55 5.32 15.93
N ASN B 80 -22.37 6.63 16.05
CA ASN B 80 -22.39 7.53 14.91
C ASN B 80 -21.09 8.35 14.89
N LEU B 81 -20.11 7.89 14.11
CA LEU B 81 -18.80 8.54 14.01
C LEU B 81 -18.64 9.54 12.88
N LYS B 82 -19.05 9.16 11.68
CA LYS B 82 -18.95 10.00 10.50
C LYS B 82 -19.34 11.49 10.70
N PRO B 83 -20.48 11.76 11.38
CA PRO B 83 -20.92 13.14 11.62
C PRO B 83 -19.99 13.95 12.54
N ALA B 84 -19.35 13.27 13.49
CA ALA B 84 -18.43 13.93 14.42
C ALA B 84 -17.13 14.44 13.80
N PHE B 85 -16.57 13.66 12.88
CA PHE B 85 -15.30 14.01 12.23
C PHE B 85 -15.41 14.72 10.89
N ALA B 86 -16.56 15.30 10.59
CA ALA B 86 -16.77 16.01 9.32
C ALA B 86 -15.97 17.32 9.23
N LYS B 87 -15.70 17.93 10.39
CA LYS B 87 -14.93 19.18 10.46
C LYS B 87 -13.47 18.89 10.15
N LEU B 88 -12.96 17.79 10.71
CA LEU B 88 -11.58 17.36 10.51
C LEU B 88 -11.37 16.71 9.15
N SER B 89 -12.41 16.06 8.61
CA SER B 89 -12.34 15.41 7.31
C SER B 89 -12.07 16.47 6.24
N GLU B 90 -12.73 17.63 6.39
CA GLU B 90 -12.61 18.76 5.46
C GLU B 90 -11.25 19.44 5.63
N LEU B 91 -10.79 19.57 6.87
CA LEU B 91 -9.51 20.20 7.18
C LEU B 91 -8.32 19.42 6.59
N HIS B 92 -8.33 18.10 6.78
CA HIS B 92 -7.24 17.26 6.28
C HIS B 92 -7.31 17.02 4.75
N CYS B 93 -8.49 17.14 4.15
CA CYS B 93 -8.68 16.90 2.72
C CYS B 93 -8.31 18.04 1.79
N ASP B 94 -9.18 19.03 1.82
CA ASP B 94 -9.14 20.22 0.99
C ASP B 94 -8.16 21.28 1.51
N LYS B 95 -7.98 21.31 2.83
CA LYS B 95 -7.07 22.29 3.39
C LYS B 95 -5.62 21.79 3.46
N LEU B 96 -5.43 20.53 3.88
CA LEU B 96 -4.08 19.99 4.03
C LEU B 96 -3.56 19.04 2.95
N HIS B 97 -4.46 18.31 2.30
CA HIS B 97 -4.10 17.36 1.24
C HIS B 97 -3.26 16.18 1.75
N VAL B 98 -3.76 15.49 2.78
CA VAL B 98 -3.09 14.33 3.38
C VAL B 98 -3.74 13.09 2.79
N ASP B 99 -2.97 12.12 2.31
CA ASP B 99 -3.55 10.91 1.75
C ASP B 99 -4.16 10.08 2.90
N PRO B 100 -5.35 9.49 2.68
CA PRO B 100 -6.05 8.67 3.68
C PRO B 100 -5.20 7.54 4.22
N GLU B 101 -4.24 7.12 3.40
CA GLU B 101 -3.34 6.04 3.73
C GLU B 101 -2.56 6.37 5.00
N ASN B 102 -2.36 7.66 5.24
CA ASN B 102 -1.63 8.11 6.42
C ASN B 102 -2.47 8.04 7.71
N PHE B 103 -3.79 8.05 7.58
CA PHE B 103 -4.66 7.96 8.76
C PHE B 103 -4.55 6.57 9.38
N LYS B 104 -4.40 5.55 8.54
CA LYS B 104 -4.27 4.17 9.01
C LYS B 104 -2.97 4.03 9.76
N LEU B 105 -1.94 4.71 9.26
CA LEU B 105 -0.60 4.68 9.86
C LEU B 105 -0.60 5.27 11.26
N LEU B 106 -1.29 6.39 11.46
CA LEU B 106 -1.36 7.01 12.79
C LEU B 106 -2.11 6.09 13.73
N GLY B 107 -3.12 5.41 13.20
CA GLY B 107 -3.90 4.47 13.99
C GLY B 107 -3.03 3.32 14.49
N ASN B 108 -2.19 2.77 13.61
CA ASN B 108 -1.31 1.67 13.98
C ASN B 108 -0.31 2.12 15.04
N VAL B 109 0.29 3.29 14.82
CA VAL B 109 1.24 3.83 15.78
C VAL B 109 0.54 4.04 17.13
N MET B 110 -0.74 4.38 17.08
CA MET B 110 -1.56 4.58 18.27
C MET B 110 -1.59 3.28 19.08
N VAL B 111 -1.94 2.18 18.40
CA VAL B 111 -2.02 0.86 19.02
C VAL B 111 -0.68 0.45 19.63
N ILE B 112 0.41 0.83 18.97
CA ILE B 112 1.73 0.48 19.47
C ILE B 112 2.09 1.26 20.73
N ILE B 113 1.56 2.47 20.86
CA ILE B 113 1.81 3.30 22.04
C ILE B 113 1.14 2.65 23.25
N LEU B 114 -0.11 2.23 23.06
CA LEU B 114 -0.87 1.57 24.12
C LEU B 114 -0.21 0.28 24.56
N ALA B 115 0.46 -0.40 23.63
CA ALA B 115 1.14 -1.64 23.97
C ALA B 115 2.32 -1.39 24.90
N THR B 116 3.05 -0.29 24.68
CA THR B 116 4.20 0.05 25.53
C THR B 116 3.78 0.53 26.92
N HIS B 117 2.61 1.15 27.00
CA HIS B 117 2.09 1.66 28.28
C HIS B 117 1.45 0.59 29.15
N PHE B 118 0.69 -0.32 28.55
CA PHE B 118 0.02 -1.37 29.31
C PHE B 118 0.66 -2.75 29.36
N GLY B 119 1.68 -2.98 28.54
CA GLY B 119 2.35 -4.27 28.52
C GLY B 119 1.42 -5.47 28.44
N LYS B 120 1.61 -6.42 29.35
CA LYS B 120 0.80 -7.63 29.37
C LYS B 120 -0.71 -7.37 29.44
N GLU B 121 -1.12 -6.22 29.99
CA GLU B 121 -2.55 -5.90 30.09
C GLU B 121 -3.21 -5.66 28.73
N PHE B 122 -2.40 -5.28 27.73
CA PHE B 122 -2.88 -5.03 26.37
C PHE B 122 -2.94 -6.37 25.62
N THR B 123 -3.90 -7.19 26.01
CA THR B 123 -4.11 -8.51 25.45
C THR B 123 -4.60 -8.50 24.00
N PRO B 124 -4.52 -9.66 23.32
CA PRO B 124 -4.96 -9.81 21.93
C PRO B 124 -6.43 -9.44 21.75
N GLU B 125 -7.24 -9.73 22.78
CA GLU B 125 -8.67 -9.43 22.79
C GLU B 125 -8.89 -7.93 22.83
N VAL B 126 -8.07 -7.26 23.65
CA VAL B 126 -8.13 -5.81 23.80
C VAL B 126 -7.64 -5.13 22.53
N GLN B 127 -6.58 -5.66 21.94
CA GLN B 127 -6.01 -5.13 20.71
C GLN B 127 -7.00 -5.18 19.56
N ALA B 128 -7.71 -6.30 19.45
CA ALA B 128 -8.71 -6.49 18.40
C ALA B 128 -9.75 -5.36 18.44
N ALA B 129 -10.15 -4.99 19.65
CA ALA B 129 -11.14 -3.92 19.86
C ALA B 129 -10.60 -2.59 19.36
N TRP B 130 -9.39 -2.25 19.77
CA TRP B 130 -8.73 -1.01 19.39
C TRP B 130 -8.43 -0.90 17.90
N GLN B 131 -8.13 -2.02 17.25
CA GLN B 131 -7.86 -2.03 15.82
C GLN B 131 -9.14 -1.61 15.12
N LYS B 132 -10.24 -2.19 15.56
CA LYS B 132 -11.56 -1.93 14.99
C LYS B 132 -11.94 -0.43 15.13
N LEU B 133 -11.62 0.16 16.28
CA LEU B 133 -11.89 1.58 16.54
C LEU B 133 -11.04 2.44 15.62
N VAL B 134 -9.74 2.15 15.62
CA VAL B 134 -8.77 2.86 14.80
C VAL B 134 -9.12 2.85 13.32
N SER B 135 -9.65 1.72 12.84
CA SER B 135 -10.04 1.59 11.44
C SER B 135 -11.25 2.46 11.12
N ALA B 136 -12.16 2.57 12.08
CA ALA B 136 -13.38 3.36 11.90
C ALA B 136 -13.07 4.86 11.83
N VAL B 137 -12.18 5.33 12.71
CA VAL B 137 -11.77 6.73 12.75
C VAL B 137 -11.06 7.12 11.45
N ALA B 138 -10.23 6.22 10.94
CA ALA B 138 -9.48 6.44 9.71
C ALA B 138 -10.42 6.62 8.52
N ILE B 139 -11.46 5.80 8.44
CA ILE B 139 -12.41 5.91 7.34
C ILE B 139 -13.45 7.01 7.53
N ALA B 140 -13.51 7.59 8.73
CA ALA B 140 -14.43 8.68 9.02
C ALA B 140 -13.83 9.97 8.45
N LEU B 141 -12.51 10.08 8.56
CA LEU B 141 -11.74 11.22 8.06
C LEU B 141 -11.59 11.20 6.55
N ALA B 142 -11.80 10.03 5.94
CA ALA B 142 -11.66 9.88 4.50
C ALA B 142 -12.99 10.09 3.78
N HIS B 143 -13.90 10.85 4.38
CA HIS B 143 -15.20 11.10 3.75
C HIS B 143 -15.00 11.93 2.48
N LYS B 144 -14.16 12.97 2.63
CA LYS B 144 -13.86 13.84 1.48
C LYS B 144 -13.11 13.03 0.42
N TYR B 145 -12.21 12.17 0.85
CA TYR B 145 -11.48 11.38 -0.10
C TYR B 145 -11.93 9.91 -0.07
N VAL C 1 12.16 -8.06 -5.50
CA VAL C 1 13.40 -8.53 -6.19
C VAL C 1 13.11 -8.94 -7.63
N LEU C 2 14.05 -8.61 -8.53
CA LEU C 2 13.90 -8.92 -9.95
C LEU C 2 14.54 -10.24 -10.37
N SER C 3 13.80 -11.03 -11.13
CA SER C 3 14.28 -12.30 -11.63
C SER C 3 15.14 -12.00 -12.86
N PRO C 4 15.90 -12.98 -13.35
CA PRO C 4 16.72 -12.71 -14.54
C PRO C 4 15.82 -12.36 -15.73
N ALA C 5 14.63 -12.96 -15.76
CA ALA C 5 13.66 -12.71 -16.84
C ALA C 5 13.19 -11.27 -16.82
N ASP C 6 12.97 -10.73 -15.62
CA ASP C 6 12.52 -9.36 -15.45
C ASP C 6 13.58 -8.42 -16.02
N LYS C 7 14.83 -8.69 -15.66
CA LYS C 7 15.95 -7.86 -16.12
C LYS C 7 16.04 -7.86 -17.64
N THR C 8 15.78 -9.01 -18.27
CA THR C 8 15.82 -9.10 -19.73
C THR C 8 14.68 -8.29 -20.37
N ASN C 9 13.47 -8.43 -19.84
CA ASN C 9 12.30 -7.72 -20.33
C ASN C 9 12.48 -6.21 -20.21
N VAL C 10 12.96 -5.77 -19.05
CA VAL C 10 13.17 -4.35 -18.80
C VAL C 10 14.20 -3.76 -19.78
N LYS C 11 15.29 -4.50 -20.01
CA LYS C 11 16.33 -4.04 -20.93
C LYS C 11 15.84 -4.01 -22.37
N ALA C 12 15.14 -5.08 -22.78
CA ALA C 12 14.60 -5.18 -24.13
C ALA C 12 13.53 -4.12 -24.38
N ALA C 13 12.65 -3.90 -23.41
CA ALA C 13 11.58 -2.92 -23.53
C ALA C 13 12.06 -1.48 -23.58
N TRP C 14 12.98 -1.14 -22.68
CA TRP C 14 13.51 0.23 -22.62
C TRP C 14 14.30 0.58 -23.89
N GLY C 15 14.82 -0.44 -24.56
CA GLY C 15 15.56 -0.23 -25.80
C GLY C 15 14.61 0.23 -26.87
N LYS C 16 13.43 -0.39 -26.96
CA LYS C 16 12.42 -0.03 -27.95
C LYS C 16 11.88 1.39 -27.73
N VAL C 17 11.94 1.86 -26.49
CA VAL C 17 11.50 3.22 -26.16
C VAL C 17 12.46 4.17 -26.86
N GLY C 18 13.74 3.90 -26.67
CA GLY C 18 14.80 4.67 -27.31
C GLY C 18 14.76 6.18 -27.19
N ALA C 19 14.75 6.83 -28.36
CA ALA C 19 14.75 8.28 -28.49
C ALA C 19 13.58 9.03 -27.87
N HIS C 20 12.41 8.41 -27.87
CA HIS C 20 11.20 9.05 -27.34
C HIS C 20 11.07 9.03 -25.82
N ALA C 21 12.10 8.54 -25.13
CA ALA C 21 12.12 8.47 -23.67
C ALA C 21 11.73 9.80 -23.04
N GLY C 22 12.24 10.89 -23.61
CA GLY C 22 11.94 12.22 -23.09
C GLY C 22 10.50 12.66 -23.36
N GLU C 23 9.97 12.30 -24.54
CA GLU C 23 8.61 12.66 -24.93
C GLU C 23 7.60 11.90 -24.07
N TYR C 24 7.95 10.66 -23.71
CA TYR C 24 7.09 9.80 -22.89
C TYR C 24 7.09 10.25 -21.42
N GLY C 25 8.24 10.73 -20.95
CA GLY C 25 8.35 11.20 -19.59
C GLY C 25 7.51 12.43 -19.39
N ALA C 26 7.51 13.30 -20.39
CA ALA C 26 6.72 14.53 -20.34
C ALA C 26 5.22 14.21 -20.27
N GLU C 27 4.78 13.24 -21.07
CA GLU C 27 3.38 12.83 -21.12
C GLU C 27 2.90 12.16 -19.83
N ALA C 28 3.73 11.29 -19.26
CA ALA C 28 3.38 10.60 -18.02
C ALA C 28 3.08 11.61 -16.92
N LEU C 29 3.85 12.69 -16.89
CA LEU C 29 3.66 13.75 -15.91
C LEU C 29 2.38 14.53 -16.18
N GLU C 30 2.10 14.82 -17.45
CA GLU C 30 0.89 15.57 -17.83
C GLU C 30 -0.35 14.79 -17.44
N ARG C 31 -0.27 13.46 -17.60
CA ARG C 31 -1.39 12.58 -17.25
C ARG C 31 -1.59 12.50 -15.74
N MET C 32 -0.48 12.46 -15.01
CA MET C 32 -0.53 12.38 -13.55
C MET C 32 -1.16 13.62 -12.93
N PHE C 33 -0.76 14.79 -13.43
CA PHE C 33 -1.28 16.07 -12.94
C PHE C 33 -2.78 16.17 -13.21
N LEU C 34 -3.21 15.63 -14.34
CA LEU C 34 -4.62 15.62 -14.72
C LEU C 34 -5.46 14.61 -13.94
N SER C 35 -5.01 13.36 -13.91
CA SER C 35 -5.74 12.29 -13.23
C SER C 35 -5.69 12.38 -11.70
N PHE C 36 -4.58 12.87 -11.15
CA PHE C 36 -4.41 13.02 -9.71
C PHE C 36 -3.87 14.41 -9.41
N PRO C 37 -4.77 15.41 -9.34
CA PRO C 37 -4.43 16.80 -9.08
C PRO C 37 -3.68 17.11 -7.79
N THR C 38 -3.80 16.24 -6.78
CA THR C 38 -3.10 16.49 -5.51
C THR C 38 -1.58 16.43 -5.66
N THR C 39 -1.11 15.80 -6.74
CA THR C 39 0.31 15.68 -6.99
C THR C 39 0.86 17.03 -7.45
N LYS C 40 -0.03 17.95 -7.81
CA LYS C 40 0.39 19.28 -8.28
C LYS C 40 0.99 20.13 -7.17
N THR C 41 0.69 19.78 -5.92
CA THR C 41 1.19 20.53 -4.78
C THR C 41 2.69 20.34 -4.54
N TYR C 42 3.31 19.42 -5.28
CA TYR C 42 4.75 19.19 -5.15
C TYR C 42 5.55 20.06 -6.10
N PHE C 43 4.87 20.69 -7.04
CA PHE C 43 5.50 21.57 -8.02
C PHE C 43 4.84 22.96 -8.01
N PRO C 44 4.98 23.71 -6.90
CA PRO C 44 4.38 25.04 -6.79
C PRO C 44 5.10 26.04 -7.70
N HIS C 45 6.40 25.84 -7.85
CA HIS C 45 7.26 26.69 -8.66
C HIS C 45 7.13 26.43 -10.16
N PHE C 46 6.31 25.44 -10.53
CA PHE C 46 6.11 25.08 -11.92
C PHE C 46 4.87 25.71 -12.55
N ASP C 47 4.99 26.05 -13.83
CA ASP C 47 3.89 26.58 -14.61
C ASP C 47 3.34 25.27 -15.19
N LEU C 48 2.27 24.76 -14.60
CA LEU C 48 1.70 23.48 -15.04
C LEU C 48 0.67 23.54 -16.17
N SER C 49 0.65 24.65 -16.92
CA SER C 49 -0.28 24.81 -18.03
C SER C 49 -0.01 23.82 -19.18
N HIS C 50 -1.05 23.60 -20.00
CA HIS C 50 -1.03 22.68 -21.16
C HIS C 50 0.33 22.20 -21.69
N GLY C 51 1.01 23.03 -22.47
CA GLY C 51 2.30 22.64 -23.03
C GLY C 51 3.50 23.31 -22.42
N SER C 52 3.55 23.35 -21.09
CA SER C 52 4.63 24.00 -20.35
C SER C 52 6.03 23.54 -20.75
N ALA C 53 6.95 24.50 -20.80
CA ALA C 53 8.33 24.21 -21.16
C ALA C 53 9.04 23.53 -20.00
N GLN C 54 8.61 23.83 -18.79
CA GLN C 54 9.18 23.25 -17.58
C GLN C 54 8.84 21.77 -17.50
N VAL C 55 7.57 21.45 -17.73
CA VAL C 55 7.07 20.08 -17.68
C VAL C 55 7.75 19.21 -18.74
N LYS C 56 7.79 19.68 -19.98
CA LYS C 56 8.42 18.94 -21.07
C LYS C 56 9.92 18.76 -20.78
N GLY C 57 10.50 19.74 -20.08
CA GLY C 57 11.91 19.69 -19.74
C GLY C 57 12.19 18.72 -18.62
N HIS C 58 11.28 18.66 -17.65
CA HIS C 58 11.42 17.77 -16.50
C HIS C 58 11.18 16.33 -16.92
N GLY C 59 10.39 16.15 -17.96
CA GLY C 59 10.12 14.83 -18.48
C GLY C 59 11.40 14.18 -18.98
N LYS C 60 12.28 14.98 -19.58
CA LYS C 60 13.55 14.48 -20.09
C LYS C 60 14.45 14.08 -18.91
N LYS C 61 14.47 14.91 -17.86
CA LYS C 61 15.29 14.62 -16.68
C LYS C 61 14.88 13.30 -16.03
N VAL C 62 13.57 13.13 -15.86
CA VAL C 62 13.00 11.92 -15.27
C VAL C 62 13.34 10.70 -16.12
N ALA C 63 13.20 10.85 -17.44
CA ALA C 63 13.48 9.78 -18.38
C ALA C 63 14.94 9.33 -18.37
N ASP C 64 15.87 10.29 -18.29
CA ASP C 64 17.30 9.98 -18.26
C ASP C 64 17.65 9.24 -16.98
N ALA C 65 17.01 9.62 -15.88
CA ALA C 65 17.25 8.98 -14.59
C ALA C 65 16.85 7.51 -14.67
N LEU C 66 15.74 7.23 -15.37
CA LEU C 66 15.27 5.86 -15.54
C LEU C 66 16.17 5.07 -16.48
N THR C 67 16.72 5.74 -17.50
CA THR C 67 17.61 5.08 -18.44
C THR C 67 18.86 4.66 -17.67
N ASN C 68 19.22 5.48 -16.69
CA ASN C 68 20.38 5.23 -15.85
C ASN C 68 20.14 4.04 -14.92
N ALA C 69 18.90 3.90 -14.44
CA ALA C 69 18.53 2.82 -13.54
C ALA C 69 18.55 1.48 -14.28
N VAL C 70 18.23 1.50 -15.57
CA VAL C 70 18.20 0.29 -16.37
C VAL C 70 19.62 -0.23 -16.60
N ALA C 71 20.56 0.70 -16.76
CA ALA C 71 21.96 0.36 -16.96
C ALA C 71 22.54 -0.23 -15.68
N HIS C 72 22.16 0.34 -14.55
CA HIS C 72 22.63 -0.11 -13.24
C HIS C 72 21.56 -0.88 -12.47
N VAL C 73 20.83 -1.73 -13.17
CA VAL C 73 19.76 -2.50 -12.54
C VAL C 73 20.26 -3.43 -11.43
N ASP C 74 21.57 -3.63 -11.36
CA ASP C 74 22.19 -4.47 -10.35
C ASP C 74 22.80 -3.70 -9.21
N ASP C 75 22.76 -2.37 -9.30
CA ASP C 75 23.34 -1.54 -8.27
C ASP C 75 22.55 -0.24 -8.17
N MET C 76 21.23 -0.37 -8.08
CA MET C 76 20.34 0.79 -7.99
C MET C 76 20.57 1.69 -6.78
N PRO C 77 20.78 1.11 -5.59
CA PRO C 77 21.01 1.94 -4.41
C PRO C 77 22.19 2.89 -4.56
N ASN C 78 23.30 2.40 -5.12
CA ASN C 78 24.49 3.23 -5.31
C ASN C 78 24.36 4.21 -6.48
N ALA C 79 23.72 3.78 -7.55
CA ALA C 79 23.53 4.62 -8.74
C ALA C 79 22.48 5.72 -8.60
N LEU C 80 21.55 5.55 -7.66
CA LEU C 80 20.49 6.53 -7.46
C LEU C 80 20.57 7.24 -6.11
N SER C 81 21.69 7.10 -5.42
CA SER C 81 21.91 7.71 -4.12
C SER C 81 21.66 9.22 -4.07
N ALA C 82 21.86 9.90 -5.21
CA ALA C 82 21.67 11.34 -5.31
C ALA C 82 20.17 11.69 -5.33
N LEU C 83 19.41 10.93 -6.12
CA LEU C 83 17.97 11.14 -6.23
C LEU C 83 17.23 10.71 -4.97
N SER C 84 17.80 9.74 -4.27
CA SER C 84 17.25 9.24 -3.01
C SER C 84 17.34 10.36 -1.97
N ASP C 85 18.43 11.11 -2.01
CA ASP C 85 18.66 12.22 -1.10
C ASP C 85 17.62 13.29 -1.34
N LEU C 86 17.43 13.64 -2.61
CA LEU C 86 16.46 14.66 -3.01
C LEU C 86 15.00 14.36 -2.63
N HIS C 87 14.48 13.23 -3.12
CA HIS C 87 13.09 12.83 -2.86
C HIS C 87 12.73 12.38 -1.45
N ALA C 88 13.65 11.66 -0.80
CA ALA C 88 13.42 11.17 0.55
C ALA C 88 13.84 12.13 1.66
N HIS C 89 15.06 12.67 1.60
CA HIS C 89 15.59 13.58 2.63
C HIS C 89 15.12 15.03 2.50
N LYS C 90 15.37 15.63 1.34
CA LYS C 90 15.00 17.01 1.10
C LYS C 90 13.51 17.29 0.87
N LEU C 91 12.94 16.74 -0.19
CA LEU C 91 11.53 16.97 -0.52
C LEU C 91 10.50 16.24 0.35
N ARG C 92 10.85 15.05 0.83
CA ARG C 92 9.96 14.23 1.65
C ARG C 92 8.64 13.90 0.95
N VAL C 93 8.77 13.23 -0.21
CA VAL C 93 7.64 12.82 -1.02
C VAL C 93 6.95 11.59 -0.46
N ASP C 94 5.62 11.66 -0.33
CA ASP C 94 4.81 10.56 0.17
C ASP C 94 4.90 9.46 -0.90
N PRO C 95 5.25 8.23 -0.47
CA PRO C 95 5.40 7.06 -1.33
C PRO C 95 4.20 6.74 -2.23
N VAL C 96 2.99 7.08 -1.79
CA VAL C 96 1.79 6.78 -2.59
C VAL C 96 1.89 7.45 -3.95
N ASN C 97 2.59 8.58 -4.00
CA ASN C 97 2.76 9.34 -5.24
C ASN C 97 3.58 8.57 -6.28
N PHE C 98 4.52 7.76 -5.81
CA PHE C 98 5.34 6.98 -6.71
C PHE C 98 4.48 5.94 -7.43
N LYS C 99 3.46 5.44 -6.75
CA LYS C 99 2.57 4.46 -7.36
C LYS C 99 1.76 5.12 -8.45
N LEU C 100 1.39 6.38 -8.24
CA LEU C 100 0.62 7.14 -9.21
C LEU C 100 1.46 7.46 -10.44
N LEU C 101 2.71 7.85 -10.25
CA LEU C 101 3.57 8.16 -11.38
C LEU C 101 3.89 6.89 -12.16
N SER C 102 4.17 5.79 -11.46
CA SER C 102 4.48 4.50 -12.09
C SER C 102 3.33 4.04 -12.98
N HIS C 103 2.10 4.26 -12.50
CA HIS C 103 0.91 3.89 -13.24
C HIS C 103 0.79 4.67 -14.54
N CYS C 104 0.92 6.00 -14.44
CA CYS C 104 0.82 6.87 -15.60
C CYS C 104 1.93 6.62 -16.60
N LEU C 105 3.06 6.12 -16.12
CA LEU C 105 4.17 5.83 -17.01
C LEU C 105 3.84 4.58 -17.81
N LEU C 106 3.25 3.59 -17.14
CA LEU C 106 2.85 2.34 -17.79
C LEU C 106 1.78 2.63 -18.82
N VAL C 107 0.80 3.46 -18.46
CA VAL C 107 -0.29 3.82 -19.35
C VAL C 107 0.25 4.47 -20.62
N THR C 108 1.26 5.32 -20.47
CA THR C 108 1.86 6.01 -21.61
C THR C 108 2.53 5.03 -22.56
N LEU C 109 3.26 4.08 -22.00
CA LEU C 109 3.94 3.05 -22.81
C LEU C 109 2.94 2.16 -23.55
N ALA C 110 1.80 1.89 -22.91
CA ALA C 110 0.76 1.05 -23.48
C ALA C 110 0.09 1.71 -24.69
N ALA C 111 0.01 3.03 -24.67
CA ALA C 111 -0.61 3.78 -25.76
C ALA C 111 0.28 3.96 -26.98
N HIS C 112 1.60 3.99 -26.77
CA HIS C 112 2.53 4.19 -27.88
C HIS C 112 3.16 2.92 -28.42
N LEU C 113 3.18 1.86 -27.62
CA LEU C 113 3.75 0.58 -28.03
C LEU C 113 2.83 -0.57 -27.63
N PRO C 114 1.55 -0.52 -28.05
CA PRO C 114 0.59 -1.58 -27.70
C PRO C 114 1.02 -2.98 -28.11
N ALA C 115 1.75 -3.08 -29.21
CA ALA C 115 2.22 -4.37 -29.70
C ALA C 115 3.31 -4.96 -28.79
N GLU C 116 4.20 -4.09 -28.33
CA GLU C 116 5.32 -4.48 -27.47
C GLU C 116 4.95 -4.66 -25.99
N PHE C 117 3.88 -4.00 -25.55
CA PHE C 117 3.45 -4.06 -24.16
C PHE C 117 2.66 -5.33 -23.80
N THR C 118 3.33 -6.48 -23.85
CA THR C 118 2.70 -7.75 -23.53
C THR C 118 2.53 -7.88 -22.02
N PRO C 119 1.62 -8.75 -21.56
CA PRO C 119 1.39 -8.92 -20.12
C PRO C 119 2.69 -9.21 -19.37
N ALA C 120 3.58 -9.97 -20.01
CA ALA C 120 4.86 -10.34 -19.42
C ALA C 120 5.78 -9.13 -19.20
N VAL C 121 5.81 -8.23 -20.18
CA VAL C 121 6.63 -7.02 -20.09
C VAL C 121 6.05 -6.08 -19.04
N HIS C 122 4.72 -5.94 -19.07
CA HIS C 122 3.96 -5.11 -18.12
C HIS C 122 4.34 -5.52 -16.69
N ALA C 123 4.29 -6.82 -16.42
CA ALA C 123 4.60 -7.37 -15.11
C ALA C 123 6.03 -7.04 -14.66
N SER C 124 6.99 -7.15 -15.59
CA SER C 124 8.39 -6.89 -15.28
C SER C 124 8.66 -5.39 -15.03
N LEU C 125 8.00 -4.55 -15.81
CA LEU C 125 8.17 -3.11 -15.64
C LEU C 125 7.57 -2.65 -14.34
N ASP C 126 6.42 -3.20 -13.99
CA ASP C 126 5.73 -2.84 -12.75
C ASP C 126 6.66 -3.11 -11.57
N LYS C 127 7.33 -4.27 -11.61
CA LYS C 127 8.26 -4.66 -10.55
C LYS C 127 9.46 -3.73 -10.54
N PHE C 128 10.01 -3.49 -11.74
CA PHE C 128 11.15 -2.60 -11.87
C PHE C 128 10.87 -1.21 -11.30
N LEU C 129 9.74 -0.63 -11.68
CA LEU C 129 9.35 0.69 -11.20
C LEU C 129 9.12 0.70 -9.70
N ALA C 130 8.71 -0.45 -9.17
CA ALA C 130 8.48 -0.59 -7.74
C ALA C 130 9.82 -0.53 -7.01
N SER C 131 10.85 -1.13 -7.61
CA SER C 131 12.19 -1.15 -7.02
C SER C 131 12.77 0.25 -6.99
N VAL C 132 12.60 0.96 -8.10
CA VAL C 132 13.09 2.33 -8.22
C VAL C 132 12.43 3.20 -7.14
N SER C 133 11.12 3.06 -6.99
CA SER C 133 10.35 3.81 -6.00
C SER C 133 10.84 3.54 -4.58
N THR C 134 11.14 2.28 -4.29
CA THR C 134 11.63 1.90 -2.96
C THR C 134 12.92 2.61 -2.63
N VAL C 135 13.81 2.68 -3.62
CA VAL C 135 15.10 3.34 -3.44
C VAL C 135 14.97 4.84 -3.23
N LEU C 136 14.10 5.49 -3.99
CA LEU C 136 13.92 6.94 -3.87
C LEU C 136 13.15 7.37 -2.62
N THR C 137 12.47 6.43 -1.97
CA THR C 137 11.72 6.77 -0.77
C THR C 137 12.42 6.36 0.54
N SER C 138 13.60 5.76 0.40
CA SER C 138 14.35 5.32 1.57
C SER C 138 15.55 6.19 1.93
N LYS C 139 15.77 6.34 3.23
CA LYS C 139 16.90 7.10 3.76
C LYS C 139 17.94 6.05 4.16
N TYR C 140 18.96 5.86 3.33
CA TYR C 140 19.99 4.86 3.62
C TYR C 140 21.44 5.34 3.70
N ARG C 141 21.63 6.62 4.00
CA ARG C 141 22.97 7.18 4.11
C ARG C 141 23.17 7.86 5.46
N VAL D 1 -18.97 10.56 -5.00
CA VAL D 1 -18.22 11.37 -6.02
C VAL D 1 -19.16 11.88 -7.12
N HIS D 2 -18.96 13.15 -7.50
CA HIS D 2 -19.77 13.78 -8.55
C HIS D 2 -19.03 13.85 -9.90
N PHE D 3 -19.77 13.66 -10.99
CA PHE D 3 -19.20 13.69 -12.34
C PHE D 3 -19.68 14.91 -13.14
N THR D 4 -18.76 15.52 -13.89
CA THR D 4 -19.11 16.68 -14.73
C THR D 4 -19.65 16.16 -16.05
N ALA D 5 -20.30 17.03 -16.81
CA ALA D 5 -20.88 16.65 -18.11
C ALA D 5 -19.83 16.20 -19.13
N GLU D 6 -18.66 16.83 -19.11
CA GLU D 6 -17.58 16.49 -20.03
C GLU D 6 -17.02 15.11 -19.70
N GLU D 7 -17.00 14.79 -18.41
CA GLU D 7 -16.50 13.51 -17.93
C GLU D 7 -17.44 12.37 -18.30
N LYS D 8 -18.75 12.57 -18.16
CA LYS D 8 -19.73 11.55 -18.52
C LYS D 8 -19.64 11.30 -20.02
N ALA D 9 -19.24 12.33 -20.76
CA ALA D 9 -19.11 12.24 -22.21
C ALA D 9 -17.96 11.31 -22.61
N ALA D 10 -16.77 11.59 -22.08
CA ALA D 10 -15.56 10.80 -22.37
C ALA D 10 -15.73 9.31 -22.12
N VAL D 11 -16.36 8.97 -20.99
CA VAL D 11 -16.59 7.58 -20.61
C VAL D 11 -17.57 6.89 -21.56
N THR D 12 -18.73 7.52 -21.80
CA THR D 12 -19.75 6.95 -22.67
C THR D 12 -19.33 6.87 -24.13
N SER D 13 -18.43 7.76 -24.55
CA SER D 13 -17.94 7.79 -25.94
C SER D 13 -17.15 6.54 -26.29
N LEU D 14 -16.31 6.10 -25.36
CA LEU D 14 -15.48 4.93 -25.56
C LEU D 14 -16.22 3.62 -25.34
N TRP D 15 -17.13 3.61 -24.36
CA TRP D 15 -17.91 2.41 -24.06
C TRP D 15 -18.65 1.96 -25.32
N SER D 16 -19.01 2.94 -26.14
CA SER D 16 -19.72 2.71 -27.39
C SER D 16 -18.87 1.99 -28.42
N LYS D 17 -17.59 2.36 -28.52
CA LYS D 17 -16.69 1.75 -29.50
C LYS D 17 -15.90 0.54 -29.05
N MET D 18 -16.18 -0.04 -27.90
CA MET D 18 -15.34 -1.16 -27.50
C MET D 18 -15.82 -2.60 -27.54
N ASN D 19 -14.85 -3.49 -27.80
CA ASN D 19 -15.04 -4.93 -27.91
C ASN D 19 -15.36 -5.57 -26.55
N VAL D 20 -16.63 -5.49 -26.15
CA VAL D 20 -17.10 -6.04 -24.90
C VAL D 20 -16.81 -7.55 -24.77
N GLU D 21 -16.72 -8.21 -25.92
CA GLU D 21 -16.45 -9.64 -25.99
C GLU D 21 -15.04 -9.99 -25.51
N GLU D 22 -14.05 -9.67 -26.35
CA GLU D 22 -12.66 -9.97 -26.09
C GLU D 22 -11.95 -9.16 -25.00
N ALA D 23 -12.39 -7.93 -24.73
CA ALA D 23 -11.75 -7.08 -23.73
C ALA D 23 -11.90 -7.48 -22.24
N GLY D 24 -12.86 -8.34 -21.93
CA GLY D 24 -13.06 -8.78 -20.56
C GLY D 24 -11.97 -9.72 -20.09
N GLY D 25 -11.75 -10.78 -20.87
CA GLY D 25 -10.72 -11.75 -20.54
C GLY D 25 -9.33 -11.15 -20.65
N GLU D 26 -9.19 -10.07 -21.41
CA GLU D 26 -7.91 -9.38 -21.60
C GLU D 26 -7.50 -8.75 -20.26
N ALA D 27 -8.48 -8.14 -19.59
CA ALA D 27 -8.24 -7.49 -18.32
C ALA D 27 -7.96 -8.49 -17.21
N LEU D 28 -8.83 -9.50 -17.09
CA LEU D 28 -8.69 -10.52 -16.06
C LEU D 28 -7.37 -11.27 -16.22
N GLY D 29 -6.99 -11.51 -17.48
CA GLY D 29 -5.74 -12.20 -17.77
C GLY D 29 -4.57 -11.41 -17.22
N ARG D 30 -4.53 -10.10 -17.53
CA ARG D 30 -3.46 -9.22 -17.07
C ARG D 30 -3.39 -9.11 -15.56
N LEU D 31 -4.55 -9.12 -14.90
CA LEU D 31 -4.59 -9.05 -13.44
C LEU D 31 -3.85 -10.24 -12.86
N LEU D 32 -4.18 -11.43 -13.37
CA LEU D 32 -3.56 -12.66 -12.91
C LEU D 32 -2.08 -12.76 -13.22
N VAL D 33 -1.66 -12.17 -14.33
CA VAL D 33 -0.24 -12.21 -14.73
C VAL D 33 0.64 -11.20 -13.97
N VAL D 34 0.17 -9.96 -13.89
CA VAL D 34 0.91 -8.89 -13.23
C VAL D 34 0.87 -8.95 -11.69
N TYR D 35 -0.27 -9.38 -11.15
CA TYR D 35 -0.45 -9.51 -9.69
C TYR D 35 -0.83 -10.96 -9.41
N PRO D 36 0.16 -11.85 -9.39
CA PRO D 36 0.11 -13.30 -9.17
C PRO D 36 -0.70 -13.84 -8.01
N TRP D 37 -0.66 -13.16 -6.87
CA TRP D 37 -1.40 -13.61 -5.70
C TRP D 37 -2.89 -13.67 -5.91
N THR D 38 -3.38 -12.99 -6.95
CA THR D 38 -4.80 -12.98 -7.25
C THR D 38 -5.29 -14.31 -7.86
N GLN D 39 -4.33 -15.15 -8.29
CA GLN D 39 -4.65 -16.46 -8.85
C GLN D 39 -5.23 -17.38 -7.78
N ARG D 40 -5.01 -17.02 -6.52
CA ARG D 40 -5.50 -17.80 -5.40
C ARG D 40 -7.04 -17.87 -5.40
N PHE D 41 -7.69 -16.82 -5.87
CA PHE D 41 -9.16 -16.75 -5.90
C PHE D 41 -9.76 -17.48 -7.09
N PHE D 42 -8.97 -17.64 -8.15
CA PHE D 42 -9.40 -18.33 -9.37
C PHE D 42 -8.72 -19.68 -9.54
N ASP D 43 -8.25 -20.22 -8.44
CA ASP D 43 -7.62 -21.51 -8.43
C ASP D 43 -8.49 -22.59 -9.12
N SER D 44 -9.81 -22.46 -8.95
CA SER D 44 -10.74 -23.43 -9.54
C SER D 44 -10.84 -23.38 -11.07
N PHE D 45 -10.37 -22.31 -11.70
CA PHE D 45 -10.43 -22.16 -13.17
C PHE D 45 -9.54 -23.07 -13.99
N GLY D 46 -8.60 -23.75 -13.32
CA GLY D 46 -7.73 -24.67 -14.04
C GLY D 46 -6.29 -24.24 -14.23
N ASN D 47 -5.81 -24.37 -15.47
CA ASN D 47 -4.43 -24.03 -15.81
C ASN D 47 -4.13 -22.54 -15.85
N LEU D 48 -3.37 -22.09 -14.86
CA LEU D 48 -2.95 -20.69 -14.73
C LEU D 48 -1.44 -20.65 -14.53
N SER D 49 -0.76 -21.62 -15.14
CA SER D 49 0.69 -21.74 -15.02
C SER D 49 1.52 -20.74 -15.81
N SER D 50 1.00 -20.25 -16.92
CA SER D 50 1.76 -19.31 -17.75
C SER D 50 0.87 -18.23 -18.37
N PRO D 51 1.47 -17.12 -18.83
CA PRO D 51 0.72 -16.02 -19.45
C PRO D 51 -0.11 -16.53 -20.64
N SER D 52 0.43 -17.52 -21.35
CA SER D 52 -0.22 -18.12 -22.50
C SER D 52 -1.39 -18.99 -22.06
N ALA D 53 -1.17 -19.78 -21.01
CA ALA D 53 -2.19 -20.66 -20.45
C ALA D 53 -3.33 -19.87 -19.83
N ILE D 54 -3.00 -18.76 -19.17
CA ILE D 54 -3.99 -17.90 -18.51
C ILE D 54 -4.87 -17.20 -19.54
N LEU D 55 -4.24 -16.60 -20.54
CA LEU D 55 -4.94 -15.90 -21.61
C LEU D 55 -5.73 -16.87 -22.49
N GLY D 56 -5.24 -18.11 -22.59
CA GLY D 56 -5.90 -19.12 -23.39
C GLY D 56 -7.04 -19.83 -22.65
N ASN D 57 -7.02 -19.73 -21.32
CA ASN D 57 -8.03 -20.36 -20.48
C ASN D 57 -9.44 -19.86 -20.85
N PRO D 58 -10.36 -20.81 -21.14
CA PRO D 58 -11.76 -20.52 -21.51
C PRO D 58 -12.58 -19.85 -20.42
N LYS D 59 -12.43 -20.27 -19.15
CA LYS D 59 -13.22 -19.62 -18.13
C LYS D 59 -12.72 -18.23 -17.73
N VAL D 60 -11.45 -17.94 -18.00
CA VAL D 60 -10.92 -16.61 -17.69
C VAL D 60 -11.64 -15.62 -18.63
N LYS D 61 -11.75 -15.99 -19.91
CA LYS D 61 -12.42 -15.16 -20.92
C LYS D 61 -13.91 -15.04 -20.63
N ALA D 62 -14.50 -16.12 -20.15
CA ALA D 62 -15.92 -16.16 -19.82
C ALA D 62 -16.25 -15.25 -18.66
N HIS D 63 -15.47 -15.37 -17.59
CA HIS D 63 -15.66 -14.55 -16.39
C HIS D 63 -15.29 -13.11 -16.71
N GLY D 64 -14.39 -12.93 -17.67
CA GLY D 64 -13.99 -11.60 -18.08
C GLY D 64 -15.16 -10.80 -18.62
N LYS D 65 -16.02 -11.44 -19.43
CA LYS D 65 -17.19 -10.77 -20.01
C LYS D 65 -18.12 -10.30 -18.90
N LYS D 66 -18.24 -11.13 -17.86
CA LYS D 66 -19.10 -10.81 -16.72
C LYS D 66 -18.62 -9.55 -15.97
N VAL D 67 -17.31 -9.45 -15.76
CA VAL D 67 -16.71 -8.31 -15.07
C VAL D 67 -16.89 -7.05 -15.91
N LEU D 68 -16.60 -7.14 -17.19
CA LEU D 68 -16.74 -6.00 -18.10
C LEU D 68 -18.18 -5.50 -18.09
N THR D 69 -19.12 -6.45 -18.01
CA THR D 69 -20.55 -6.14 -17.98
C THR D 69 -20.94 -5.31 -16.76
N SER D 70 -20.46 -5.71 -15.58
CA SER D 70 -20.77 -4.99 -14.35
C SER D 70 -20.19 -3.58 -14.36
N PHE D 71 -19.28 -3.32 -15.29
CA PHE D 71 -18.69 -1.99 -15.44
C PHE D 71 -19.65 -1.13 -16.24
N GLY D 72 -20.38 -1.76 -17.15
CA GLY D 72 -21.35 -1.07 -17.98
C GLY D 72 -22.53 -0.61 -17.15
N ASP D 73 -22.83 -1.37 -16.10
CA ASP D 73 -23.92 -1.04 -15.20
C ASP D 73 -23.56 0.18 -14.37
N ALA D 74 -22.26 0.40 -14.20
CA ALA D 74 -21.75 1.54 -13.44
C ALA D 74 -21.93 2.84 -14.22
N ILE D 75 -21.67 2.80 -15.51
CA ILE D 75 -21.81 3.95 -16.39
C ILE D 75 -23.27 4.43 -16.41
N LYS D 76 -24.21 3.48 -16.33
CA LYS D 76 -25.64 3.82 -16.32
C LYS D 76 -26.10 4.39 -14.98
N ASN D 77 -25.34 4.12 -13.91
CA ASN D 77 -25.69 4.61 -12.58
C ASN D 77 -24.68 5.56 -11.97
N MET D 78 -24.02 6.36 -12.80
CA MET D 78 -22.99 7.30 -12.32
C MET D 78 -23.39 8.20 -11.15
N ASP D 79 -24.71 8.44 -11.03
CA ASP D 79 -25.29 9.26 -9.95
C ASP D 79 -25.24 8.54 -8.59
N ASN D 80 -25.96 7.43 -8.48
CA ASN D 80 -25.97 6.64 -7.25
C ASN D 80 -25.37 5.26 -7.52
N LEU D 81 -24.06 5.15 -7.34
CA LEU D 81 -23.33 3.90 -7.56
C LEU D 81 -23.41 2.89 -6.42
N LYS D 82 -23.19 3.36 -5.20
CA LYS D 82 -23.22 2.51 -4.00
C LYS D 82 -24.36 1.48 -3.95
N PRO D 83 -25.62 1.91 -4.24
CA PRO D 83 -26.77 1.00 -4.22
C PRO D 83 -26.72 -0.12 -5.28
N ALA D 84 -26.12 0.17 -6.44
CA ALA D 84 -26.02 -0.81 -7.52
C ALA D 84 -25.05 -1.98 -7.24
N PHE D 85 -23.93 -1.69 -6.59
CA PHE D 85 -22.92 -2.70 -6.28
C PHE D 85 -23.00 -3.35 -4.89
N ALA D 86 -24.14 -3.22 -4.23
CA ALA D 86 -24.31 -3.80 -2.89
C ALA D 86 -24.35 -5.34 -2.89
N LYS D 87 -24.79 -5.92 -4.02
CA LYS D 87 -24.86 -7.38 -4.16
C LYS D 87 -23.45 -7.94 -4.31
N LEU D 88 -22.62 -7.24 -5.10
CA LEU D 88 -21.23 -7.64 -5.32
C LEU D 88 -20.33 -7.28 -4.14
N SER D 89 -20.67 -6.23 -3.42
CA SER D 89 -19.90 -5.80 -2.25
C SER D 89 -19.93 -6.90 -1.20
N GLU D 90 -21.11 -7.50 -1.04
CA GLU D 90 -21.32 -8.58 -0.08
C GLU D 90 -20.63 -9.87 -0.54
N LEU D 91 -20.74 -10.16 -1.84
CA LEU D 91 -20.13 -11.34 -2.43
C LEU D 91 -18.62 -11.37 -2.27
N HIS D 92 -17.96 -10.25 -2.58
CA HIS D 92 -16.52 -10.15 -2.49
C HIS D 92 -16.01 -10.02 -1.04
N CYS D 93 -16.84 -9.53 -0.13
CA CYS D 93 -16.43 -9.33 1.26
C CYS D 93 -16.49 -10.53 2.17
N ASP D 94 -17.72 -10.92 2.47
CA ASP D 94 -18.08 -12.00 3.38
C ASP D 94 -18.01 -13.37 2.72
N LYS D 95 -18.26 -13.41 1.41
CA LYS D 95 -18.21 -14.68 0.71
C LYS D 95 -16.81 -15.03 0.19
N LEU D 96 -16.12 -14.05 -0.39
CA LEU D 96 -14.80 -14.31 -0.95
C LEU D 96 -13.57 -13.85 -0.16
N HIS D 97 -13.72 -12.80 0.64
CA HIS D 97 -12.62 -12.26 1.46
C HIS D 97 -11.47 -11.68 0.63
N VAL D 98 -11.80 -10.77 -0.29
CA VAL D 98 -10.82 -10.11 -1.16
C VAL D 98 -10.51 -8.75 -0.53
N ASP D 99 -9.24 -8.39 -0.41
CA ASP D 99 -8.90 -7.09 0.18
C ASP D 99 -9.28 -5.99 -0.82
N PRO D 100 -9.85 -4.87 -0.35
CA PRO D 100 -10.27 -3.74 -1.19
C PRO D 100 -9.13 -3.20 -2.05
N GLU D 101 -7.92 -3.42 -1.57
CA GLU D 101 -6.72 -2.97 -2.25
C GLU D 101 -6.64 -3.58 -3.64
N ASN D 102 -7.22 -4.77 -3.80
CA ASN D 102 -7.23 -5.45 -5.08
C ASN D 102 -8.22 -4.86 -6.08
N PHE D 103 -9.24 -4.15 -5.60
CA PHE D 103 -10.23 -3.54 -6.49
C PHE D 103 -9.58 -2.39 -7.26
N LYS D 104 -8.68 -1.66 -6.60
CA LYS D 104 -7.98 -0.54 -7.22
C LYS D 104 -7.08 -1.07 -8.31
N LEU D 105 -6.46 -2.23 -8.05
CA LEU D 105 -5.57 -2.87 -9.00
C LEU D 105 -6.28 -3.27 -10.28
N LEU D 106 -7.49 -3.85 -10.17
CA LEU D 106 -8.24 -4.24 -11.35
C LEU D 106 -8.62 -3.00 -12.14
N GLY D 107 -8.91 -1.92 -11.42
CA GLY D 107 -9.26 -0.67 -12.06
C GLY D 107 -8.11 -0.13 -12.89
N ASN D 108 -6.90 -0.16 -12.33
CA ASN D 108 -5.70 0.30 -13.04
C ASN D 108 -5.47 -0.53 -14.28
N VAL D 109 -5.54 -1.84 -14.13
CA VAL D 109 -5.33 -2.75 -15.25
C VAL D 109 -6.39 -2.47 -16.33
N MET D 110 -7.57 -2.06 -15.89
CA MET D 110 -8.67 -1.72 -16.78
C MET D 110 -8.24 -0.54 -17.67
N VAL D 111 -7.74 0.52 -17.04
CA VAL D 111 -7.29 1.71 -17.73
C VAL D 111 -6.17 1.39 -18.73
N ILE D 112 -5.32 0.45 -18.38
CA ILE D 112 -4.21 0.07 -19.25
C ILE D 112 -4.70 -0.69 -20.48
N ILE D 113 -5.81 -1.41 -20.33
CA ILE D 113 -6.39 -2.18 -21.45
C ILE D 113 -6.92 -1.19 -22.48
N LEU D 114 -7.64 -0.18 -22.01
CA LEU D 114 -8.21 0.85 -22.86
C LEU D 114 -7.12 1.62 -23.60
N ALA D 115 -5.96 1.77 -22.96
CA ALA D 115 -4.85 2.47 -23.59
C ALA D 115 -4.30 1.68 -24.78
N THR D 116 -4.24 0.35 -24.68
CA THR D 116 -3.75 -0.48 -25.77
C THR D 116 -4.72 -0.57 -26.93
N HIS D 117 -6.02 -0.46 -26.63
CA HIS D 117 -7.06 -0.53 -27.65
C HIS D 117 -7.26 0.78 -28.41
N PHE D 118 -7.20 1.91 -27.71
CA PHE D 118 -7.42 3.20 -28.36
C PHE D 118 -6.19 4.03 -28.73
N GLY D 119 -5.02 3.61 -28.24
CA GLY D 119 -3.79 4.34 -28.54
C GLY D 119 -3.89 5.85 -28.33
N LYS D 120 -3.56 6.60 -29.38
CA LYS D 120 -3.60 8.06 -29.35
C LYS D 120 -4.92 8.66 -28.86
N GLU D 121 -6.01 7.99 -29.19
CA GLU D 121 -7.33 8.47 -28.81
C GLU D 121 -7.52 8.54 -27.30
N PHE D 122 -6.83 7.68 -26.56
CA PHE D 122 -6.94 7.64 -25.11
C PHE D 122 -6.07 8.74 -24.52
N THR D 123 -6.52 9.98 -24.71
CA THR D 123 -5.83 11.17 -24.24
C THR D 123 -5.81 11.32 -22.72
N PRO D 124 -4.93 12.21 -22.21
CA PRO D 124 -4.80 12.47 -20.77
C PRO D 124 -6.13 12.94 -20.15
N GLU D 125 -6.92 13.67 -20.95
CA GLU D 125 -8.21 14.20 -20.52
C GLU D 125 -9.19 13.06 -20.37
N VAL D 126 -9.12 12.10 -21.30
CA VAL D 126 -9.99 10.93 -21.29
C VAL D 126 -9.61 10.01 -20.14
N GLN D 127 -8.30 9.85 -19.92
CA GLN D 127 -7.77 9.00 -18.85
C GLN D 127 -8.21 9.50 -17.47
N ALA D 128 -8.16 10.82 -17.29
CA ALA D 128 -8.55 11.44 -16.03
C ALA D 128 -9.99 11.07 -15.66
N ALA D 129 -10.86 11.03 -16.68
CA ALA D 129 -12.26 10.68 -16.51
C ALA D 129 -12.41 9.24 -16.03
N TRP D 130 -11.73 8.34 -16.73
CA TRP D 130 -11.75 6.91 -16.42
C TRP D 130 -11.16 6.56 -15.07
N GLN D 131 -10.13 7.31 -14.65
CA GLN D 131 -9.51 7.07 -13.35
C GLN D 131 -10.54 7.35 -12.29
N LYS D 132 -11.26 8.45 -12.48
CA LYS D 132 -12.31 8.90 -11.56
C LYS D 132 -13.40 7.85 -11.42
N LEU D 133 -13.79 7.26 -12.54
CA LEU D 133 -14.83 6.23 -12.58
C LEU D 133 -14.34 4.98 -11.85
N VAL D 134 -13.16 4.53 -12.23
CA VAL D 134 -12.53 3.36 -11.65
C VAL D 134 -12.39 3.46 -10.13
N SER D 135 -12.06 4.66 -9.64
CA SER D 135 -11.91 4.89 -8.21
C SER D 135 -13.24 4.78 -7.49
N ALA D 136 -14.31 5.26 -8.13
CA ALA D 136 -15.64 5.22 -7.55
C ALA D 136 -16.16 3.78 -7.41
N VAL D 137 -15.95 2.97 -8.46
CA VAL D 137 -16.39 1.57 -8.46
C VAL D 137 -15.66 0.77 -7.38
N ALA D 138 -14.37 1.05 -7.22
CA ALA D 138 -13.54 0.39 -6.23
C ALA D 138 -14.06 0.65 -4.82
N ILE D 139 -14.42 1.89 -4.53
CA ILE D 139 -14.92 2.24 -3.20
C ILE D 139 -16.39 1.87 -2.99
N ALA D 140 -17.07 1.50 -4.06
CA ALA D 140 -18.47 1.10 -3.97
C ALA D 140 -18.52 -0.34 -3.47
N LEU D 141 -17.55 -1.13 -3.94
CA LEU D 141 -17.41 -2.54 -3.56
C LEU D 141 -16.84 -2.70 -2.15
N ALA D 142 -16.22 -1.64 -1.63
CA ALA D 142 -15.62 -1.68 -0.30
C ALA D 142 -16.58 -1.19 0.79
N HIS D 143 -17.87 -1.32 0.54
CA HIS D 143 -18.88 -0.88 1.52
C HIS D 143 -18.80 -1.76 2.75
N LYS D 144 -18.76 -3.07 2.53
CA LYS D 144 -18.68 -4.04 3.62
C LYS D 144 -17.34 -3.91 4.36
N TYR D 145 -16.28 -3.55 3.62
CA TYR D 145 -14.97 -3.37 4.22
C TYR D 145 -14.56 -1.87 4.15
#